data_7SAI
#
_entry.id   7SAI
#
_cell.length_a   173.172
_cell.length_b   173.172
_cell.length_c   92.288
_cell.angle_alpha   90.000
_cell.angle_beta   90.000
_cell.angle_gamma   90.000
#
_symmetry.space_group_name_H-M   'I 4 2 2'
#
loop_
_entity.id
_entity.type
_entity.pdbx_description
1 polymer 'Green fluorescent protein'
2 polymer 'LAG30 Nanobody'
3 non-polymer GLYCEROL
4 non-polymer '2-(N-MORPHOLINO)-ETHANESULFONIC ACID'
5 non-polymer 'PHOSPHATE ION'
6 water water
#
loop_
_entity_poly.entity_id
_entity_poly.type
_entity_poly.pdbx_seq_one_letter_code
_entity_poly.pdbx_strand_id
1 'polypeptide(L)'
;GVSKGEELFTGVVPILVELDGDVNGHKFSVSGEGEGDATYGKLTLKFICTTGKLPVPWPTLVTTL(CRO)VQCFSRYPDH
MKQHDFFKSAMPEGYVQERTIFFKDDGNYKTRAEVKFEGDTLVNRIELKGIDFKEDGNILGHKLEYNYNSHNVYIMADKQ
KNGIKVNFKIRHNIEDGSVQLADHYQQNTPIGDGPVLLPDNHYLSTQSALSKDPNEKRDHMVLLEFVTAAGITLGMDELY
K
;
A
2 'polypeptide(L)'
;MGSSHHHHHHSSGLVPRGSMAQVQLVESGGGLVQAGGSLRLSCAASGRTFSTSAMGWFRQAPGREREFVAAITWTVGNTI
YGDSMKGRFTISRDRTKNTVDLQMDSLKPEDTAVYYCTARSRGFVLSDLRSVDSFDYKGQGTQVTVS
;
C
#
# COMPACT_ATOMS: atom_id res chain seq x y z
N LYS A 4 -6.65 -4.22 18.73
CA LYS A 4 -7.66 -4.43 17.68
C LYS A 4 -7.01 -4.81 16.34
N GLY A 5 -6.12 -3.93 15.84
CA GLY A 5 -5.37 -4.25 14.64
C GLY A 5 -4.44 -5.45 14.81
N GLU A 6 -4.02 -5.73 16.04
CA GLU A 6 -3.18 -6.90 16.27
C GLU A 6 -3.88 -8.19 15.86
N GLU A 7 -5.20 -8.26 16.01
CA GLU A 7 -5.93 -9.49 15.68
C GLU A 7 -5.84 -9.84 14.20
N LEU A 8 -5.53 -8.88 13.33
CA LEU A 8 -5.37 -9.16 11.92
C LEU A 8 -4.08 -9.89 11.60
N PHE A 9 -3.19 -10.11 12.58
CA PHE A 9 -1.86 -10.68 12.34
C PHE A 9 -1.65 -12.03 13.01
N THR A 10 -2.70 -12.70 13.49
CA THR A 10 -2.51 -13.91 14.28
C THR A 10 -2.04 -15.10 13.42
N GLY A 11 -2.35 -15.11 12.12
CA GLY A 11 -1.87 -16.18 11.27
C GLY A 11 -0.93 -15.73 10.18
N VAL A 12 -0.93 -16.45 9.06
CA VAL A 12 -0.13 -16.11 7.90
C VAL A 12 -0.94 -15.17 7.02
N VAL A 13 -0.34 -14.06 6.62
CA VAL A 13 -1.01 -12.96 5.93
C VAL A 13 -0.34 -12.76 4.57
N PRO A 14 -1.09 -12.79 3.46
CA PRO A 14 -0.48 -12.49 2.15
C PRO A 14 -0.16 -11.00 1.99
N ILE A 15 0.86 -10.72 1.16
CA ILE A 15 1.48 -9.41 1.03
C ILE A 15 1.66 -9.09 -0.45
N LEU A 16 1.36 -7.84 -0.83
CA LEU A 16 1.70 -7.31 -2.16
C LEU A 16 2.49 -6.02 -2.03
N VAL A 17 3.53 -5.87 -2.85
CA VAL A 17 4.36 -4.66 -2.87
C VAL A 17 4.42 -4.11 -4.29
N GLU A 18 4.33 -2.78 -4.42
CA GLU A 18 4.50 -2.11 -5.71
C GLU A 18 5.35 -0.87 -5.50
N LEU A 19 6.39 -0.71 -6.33
CA LEU A 19 7.29 0.43 -6.23
C LEU A 19 7.44 1.08 -7.60
N ASP A 20 7.19 2.38 -7.67
N ASP A 20 7.24 2.39 -7.63
CA ASP A 20 7.54 3.18 -8.83
CA ASP A 20 7.50 3.24 -8.78
C ASP A 20 8.71 4.06 -8.45
C ASP A 20 8.71 4.11 -8.45
N GLY A 21 9.77 4.03 -9.28
CA GLY A 21 11.03 4.65 -8.94
C GLY A 21 11.63 5.44 -10.08
N ASP A 22 12.48 6.40 -9.69
CA ASP A 22 13.25 7.23 -10.61
C ASP A 22 14.55 7.58 -9.91
N VAL A 23 15.68 7.13 -10.45
CA VAL A 23 17.01 7.45 -9.92
C VAL A 23 17.84 8.07 -11.02
N ASN A 24 18.22 9.34 -10.84
CA ASN A 24 19.03 10.10 -11.80
C ASN A 24 18.41 10.11 -13.19
N GLY A 25 17.07 10.10 -13.26
CA GLY A 25 16.36 10.08 -14.54
C GLY A 25 16.04 8.69 -15.07
N HIS A 26 16.57 7.63 -14.45
CA HIS A 26 16.26 6.26 -14.85
C HIS A 26 14.99 5.80 -14.15
N LYS A 27 13.92 5.65 -14.91
CA LYS A 27 12.65 5.16 -14.36
C LYS A 27 12.58 3.64 -14.38
N PHE A 28 11.92 3.08 -13.37
CA PHE A 28 11.78 1.64 -13.26
C PHE A 28 10.62 1.35 -12.31
N SER A 29 10.13 0.10 -12.35
CA SER A 29 9.04 -0.36 -11.51
C SER A 29 9.38 -1.74 -10.94
N VAL A 30 9.00 -1.98 -9.70
CA VAL A 30 9.20 -3.26 -9.02
C VAL A 30 7.87 -3.72 -8.44
N SER A 31 7.57 -5.02 -8.59
CA SER A 31 6.42 -5.61 -7.89
C SER A 31 6.89 -6.82 -7.09
N GLY A 32 6.21 -7.08 -5.96
CA GLY A 32 6.56 -8.19 -5.10
C GLY A 32 5.32 -8.84 -4.51
N GLU A 33 5.50 -10.07 -4.05
CA GLU A 33 4.42 -10.88 -3.48
C GLU A 33 5.02 -11.91 -2.53
N GLY A 34 4.27 -12.26 -1.50
CA GLY A 34 4.67 -13.26 -0.54
C GLY A 34 3.76 -13.38 0.67
N GLU A 35 4.35 -13.59 1.85
N GLU A 35 4.35 -13.63 1.85
CA GLU A 35 3.64 -13.97 3.06
CA GLU A 35 3.62 -13.91 3.07
C GLU A 35 4.34 -13.42 4.30
C GLU A 35 4.33 -13.31 4.27
N GLY A 36 3.58 -13.01 5.30
CA GLY A 36 4.14 -12.56 6.57
C GLY A 36 3.52 -13.31 7.72
N ASP A 37 4.34 -13.61 8.74
CA ASP A 37 3.88 -14.38 9.91
C ASP A 37 4.44 -13.70 11.17
N ALA A 38 3.64 -12.79 11.74
CA ALA A 38 4.11 -11.97 12.84
C ALA A 38 4.35 -12.75 14.13
N THR A 39 3.71 -13.90 14.32
CA THR A 39 4.01 -14.66 15.53
C THR A 39 5.45 -15.17 15.53
N TYR A 40 6.05 -15.38 14.35
CA TYR A 40 7.48 -15.70 14.28
C TYR A 40 8.32 -14.51 13.84
N GLY A 41 7.69 -13.38 13.50
CA GLY A 41 8.44 -12.25 12.97
C GLY A 41 9.11 -12.55 11.64
N LYS A 42 8.41 -13.22 10.73
CA LYS A 42 9.02 -13.77 9.52
C LYS A 42 8.35 -13.23 8.25
N LEU A 43 9.17 -12.81 7.29
CA LEU A 43 8.71 -12.42 5.96
C LEU A 43 9.31 -13.33 4.90
N THR A 44 8.52 -13.62 3.86
CA THR A 44 8.99 -14.39 2.70
C THR A 44 8.41 -13.73 1.47
N LEU A 45 9.26 -13.19 0.59
CA LEU A 45 8.80 -12.40 -0.54
C LEU A 45 9.69 -12.59 -1.75
N LYS A 46 9.11 -12.41 -2.95
CA LYS A 46 9.85 -12.39 -4.21
C LYS A 46 9.49 -11.13 -4.99
N PHE A 47 10.52 -10.39 -5.43
CA PHE A 47 10.39 -9.12 -6.14
C PHE A 47 10.90 -9.24 -7.58
N ILE A 48 10.25 -8.52 -8.50
CA ILE A 48 10.62 -8.53 -9.92
C ILE A 48 10.65 -7.11 -10.44
N CYS A 49 11.68 -6.78 -11.23
CA CYS A 49 11.70 -5.52 -11.96
C CYS A 49 10.90 -5.72 -13.24
N THR A 50 9.75 -5.07 -13.34
CA THR A 50 8.84 -5.26 -14.46
C THR A 50 9.20 -4.44 -15.69
N THR A 51 10.16 -3.52 -15.59
CA THR A 51 10.56 -2.66 -16.70
C THR A 51 11.88 -3.07 -17.34
N GLY A 52 12.44 -4.23 -16.96
CA GLY A 52 13.70 -4.67 -17.50
C GLY A 52 14.79 -4.86 -16.47
N LYS A 53 15.95 -4.27 -16.67
CA LYS A 53 17.04 -4.37 -15.72
C LYS A 53 16.95 -3.28 -14.69
N LEU A 54 17.21 -3.62 -13.44
CA LEU A 54 17.13 -2.65 -12.35
C LEU A 54 18.33 -1.70 -12.41
N PRO A 55 18.12 -0.38 -12.43
CA PRO A 55 19.26 0.54 -12.58
C PRO A 55 20.08 0.76 -11.30
N VAL A 56 19.63 0.24 -10.17
CA VAL A 56 20.37 0.31 -8.91
C VAL A 56 20.48 -1.11 -8.34
N PRO A 57 21.41 -1.34 -7.41
CA PRO A 57 21.52 -2.69 -6.81
C PRO A 57 20.31 -3.03 -5.94
N TRP A 58 19.84 -4.27 -6.06
CA TRP A 58 18.76 -4.79 -5.24
C TRP A 58 18.94 -4.54 -3.74
N PRO A 59 20.11 -4.73 -3.13
CA PRO A 59 20.23 -4.46 -1.68
C PRO A 59 19.84 -3.03 -1.28
N THR A 60 20.06 -2.02 -2.14
CA THR A 60 19.68 -0.65 -1.76
C THR A 60 18.17 -0.47 -1.62
N LEU A 61 17.37 -1.41 -2.11
CA LEU A 61 15.91 -1.27 -2.08
C LEU A 61 15.26 -2.04 -0.92
N VAL A 62 16.04 -2.82 -0.15
CA VAL A 62 15.46 -3.76 0.82
C VAL A 62 14.63 -3.02 1.87
N THR A 63 15.21 -1.98 2.49
CA THR A 63 14.49 -1.26 3.54
C THR A 63 13.23 -0.56 3.01
N THR A 64 13.24 -0.11 1.75
CA THR A 64 12.05 0.52 1.19
C THR A 64 10.97 -0.51 0.87
N LEU A 65 11.35 -1.65 0.30
CA LEU A 65 10.42 -2.73 -0.05
C LEU A 65 9.89 -3.46 1.18
N VAL A 67 7.55 -3.28 5.74
CA VAL A 67 6.29 -3.73 6.33
C VAL A 67 6.52 -4.19 7.77
N GLN A 68 6.91 -3.24 8.62
CA GLN A 68 7.35 -3.55 9.98
C GLN A 68 6.22 -3.98 10.89
N CYS A 69 4.99 -4.02 10.38
CA CYS A 69 3.87 -4.59 11.12
C CYS A 69 4.01 -6.10 11.31
N PHE A 70 4.93 -6.76 10.60
CA PHE A 70 5.12 -8.19 10.77
C PHE A 70 6.21 -8.54 11.80
N SER A 71 6.73 -7.55 12.52
CA SER A 71 7.70 -7.80 13.57
C SER A 71 7.05 -8.53 14.73
N ARG A 72 7.80 -9.43 15.37
CA ARG A 72 7.29 -10.08 16.57
C ARG A 72 7.51 -9.17 17.78
N TYR A 73 6.42 -8.74 18.40
CA TYR A 73 6.49 -8.05 19.67
C TYR A 73 6.16 -9.05 20.76
N PRO A 74 7.08 -9.39 21.64
CA PRO A 74 6.78 -10.30 22.76
C PRO A 74 5.60 -9.81 23.59
N ASP A 75 5.08 -10.71 24.44
CA ASP A 75 3.88 -10.40 25.21
C ASP A 75 4.08 -9.19 26.11
N HIS A 76 5.22 -9.12 26.80
CA HIS A 76 5.47 -8.00 27.72
C HIS A 76 5.68 -6.67 27.02
N MET A 77 5.60 -6.63 25.68
CA MET A 77 5.80 -5.40 24.92
C MET A 77 4.67 -5.08 23.95
N LYS A 78 3.50 -5.72 24.06
CA LYS A 78 2.46 -5.54 23.08
C LYS A 78 1.92 -4.11 23.05
N GLN A 79 2.07 -3.37 24.15
CA GLN A 79 1.60 -2.00 24.24
C GLN A 79 2.47 -1.00 23.48
N HIS A 80 3.61 -1.43 22.95
CA HIS A 80 4.52 -0.57 22.21
C HIS A 80 4.45 -0.76 20.69
N ASP A 81 3.47 -1.53 20.19
CA ASP A 81 3.43 -1.94 18.78
C ASP A 81 2.53 -0.96 18.02
N PHE A 82 3.14 0.16 17.58
CA PHE A 82 2.43 1.16 16.82
C PHE A 82 1.94 0.60 15.49
N PHE A 83 2.79 -0.18 14.82
CA PHE A 83 2.52 -0.57 13.44
C PHE A 83 1.23 -1.35 13.31
N LYS A 84 0.99 -2.31 14.22
CA LYS A 84 -0.23 -3.10 14.12
C LYS A 84 -1.45 -2.32 14.60
N SER A 85 -1.26 -1.42 15.57
CA SER A 85 -2.39 -0.64 16.10
C SER A 85 -3.01 0.28 15.04
N ALA A 86 -2.26 0.65 13.99
CA ALA A 86 -2.79 1.52 12.95
C ALA A 86 -3.64 0.80 11.90
N MET A 87 -3.66 -0.57 11.89
CA MET A 87 -4.36 -1.46 10.97
C MET A 87 -5.82 -1.65 11.40
N PRO A 88 -6.75 -1.82 10.43
CA PRO A 88 -6.48 -1.95 8.99
C PRO A 88 -6.33 -0.63 8.20
N GLU A 89 -6.65 0.52 8.81
CA GLU A 89 -6.61 1.79 8.07
C GLU A 89 -5.22 2.08 7.53
N GLY A 90 -4.18 1.76 8.30
CA GLY A 90 -2.81 1.82 7.81
C GLY A 90 -2.02 3.02 8.29
N TYR A 91 -0.82 3.15 7.73
CA TYR A 91 0.07 4.26 8.06
C TYR A 91 0.89 4.69 6.85
N VAL A 92 1.29 5.96 6.87
CA VAL A 92 2.23 6.55 5.90
C VAL A 92 3.65 6.36 6.43
N GLN A 93 4.56 5.91 5.56
CA GLN A 93 5.97 5.75 5.92
C GLN A 93 6.84 6.55 4.95
N GLU A 94 7.59 7.51 5.49
CA GLU A 94 8.45 8.38 4.69
C GLU A 94 9.91 8.29 5.15
N ARG A 95 10.83 8.29 4.19
CA ARG A 95 12.25 8.24 4.52
C ARG A 95 13.05 9.15 3.60
N THR A 96 14.16 9.63 4.14
CA THR A 96 15.30 10.05 3.35
C THR A 96 16.47 9.13 3.70
N ILE A 97 17.18 8.66 2.68
CA ILE A 97 18.29 7.71 2.82
C ILE A 97 19.53 8.34 2.19
N PHE A 98 20.52 8.66 3.02
CA PHE A 98 21.76 9.31 2.58
C PHE A 98 22.83 8.25 2.39
N PHE A 99 23.25 8.03 1.15
CA PHE A 99 24.38 7.17 0.85
C PHE A 99 25.66 8.00 0.98
N LYS A 100 26.47 7.72 2.01
CA LYS A 100 27.65 8.54 2.26
C LYS A 100 28.56 8.61 1.03
N ASP A 101 28.96 9.83 0.68
CA ASP A 101 29.80 10.14 -0.47
C ASP A 101 29.08 9.91 -1.80
N ASP A 102 27.76 9.93 -1.81
CA ASP A 102 26.99 9.68 -3.04
C ASP A 102 25.59 10.29 -2.87
N GLY A 103 24.66 9.88 -3.73
CA GLY A 103 23.34 10.47 -3.76
C GLY A 103 22.46 10.01 -2.61
N ASN A 104 21.17 10.37 -2.71
CA ASN A 104 20.19 10.03 -1.70
C ASN A 104 18.89 9.55 -2.35
N TYR A 105 18.15 8.72 -1.62
CA TYR A 105 16.79 8.34 -1.95
C TYR A 105 15.82 9.12 -1.08
N LYS A 106 14.69 9.54 -1.66
CA LYS A 106 13.54 9.97 -0.87
C LYS A 106 12.34 9.11 -1.23
N THR A 107 11.63 8.59 -0.21
CA THR A 107 10.53 7.66 -0.44
C THR A 107 9.29 8.07 0.34
N ARG A 108 8.13 7.84 -0.27
CA ARG A 108 6.85 7.93 0.41
C ARG A 108 6.04 6.68 0.11
N ALA A 109 5.49 6.07 1.16
CA ALA A 109 4.79 4.80 1.06
C ALA A 109 3.57 4.82 1.97
N GLU A 110 2.55 4.05 1.59
CA GLU A 110 1.41 3.76 2.46
C GLU A 110 1.29 2.24 2.63
N VAL A 111 1.12 1.80 3.87
CA VAL A 111 1.02 0.40 4.25
C VAL A 111 -0.35 0.21 4.87
N LYS A 112 -1.18 -0.68 4.28
CA LYS A 112 -2.57 -0.84 4.71
C LYS A 112 -3.12 -2.18 4.23
N PHE A 113 -4.21 -2.62 4.85
CA PHE A 113 -4.94 -3.80 4.37
C PHE A 113 -5.91 -3.43 3.25
N GLU A 114 -5.96 -4.26 2.21
CA GLU A 114 -7.06 -4.25 1.22
C GLU A 114 -7.78 -5.59 1.35
N GLY A 115 -8.70 -5.65 2.31
CA GLY A 115 -9.28 -6.93 2.71
C GLY A 115 -8.27 -7.85 3.36
N ASP A 116 -8.06 -9.04 2.79
CA ASP A 116 -7.17 -10.02 3.42
C ASP A 116 -5.69 -9.79 3.13
N THR A 117 -5.33 -8.85 2.25
CA THR A 117 -3.94 -8.67 1.83
C THR A 117 -3.37 -7.37 2.39
N LEU A 118 -2.19 -7.47 3.01
CA LEU A 118 -1.44 -6.29 3.45
C LEU A 118 -0.66 -5.73 2.26
N VAL A 119 -0.88 -4.45 1.92
CA VAL A 119 -0.35 -3.83 0.71
C VAL A 119 0.63 -2.70 1.08
N ASN A 120 1.82 -2.71 0.46
CA ASN A 120 2.82 -1.67 0.59
C ASN A 120 3.03 -1.03 -0.79
N ARG A 121 2.58 0.23 -0.97
CA ARG A 121 2.68 0.96 -2.24
C ARG A 121 3.63 2.14 -2.05
N ILE A 122 4.61 2.27 -2.95
CA ILE A 122 5.78 3.11 -2.72
C ILE A 122 6.08 4.00 -3.93
N GLU A 123 6.51 5.24 -3.66
CA GLU A 123 7.14 6.11 -4.66
C GLU A 123 8.56 6.41 -4.20
N LEU A 124 9.51 6.34 -5.13
CA LEU A 124 10.92 6.53 -4.82
C LEU A 124 11.55 7.47 -5.83
N LYS A 125 12.35 8.41 -5.32
CA LYS A 125 13.14 9.31 -6.16
C LYS A 125 14.56 9.34 -5.64
N GLY A 126 15.53 9.15 -6.53
CA GLY A 126 16.94 9.25 -6.19
C GLY A 126 17.60 10.34 -7.02
N ILE A 127 18.50 11.09 -6.38
CA ILE A 127 19.12 12.26 -7.00
C ILE A 127 20.59 12.37 -6.58
N ASP A 128 21.41 12.94 -7.47
CA ASP A 128 22.80 13.32 -7.19
C ASP A 128 23.73 12.13 -7.03
N PHE A 129 23.43 11.02 -7.70
CA PHE A 129 24.30 9.85 -7.62
C PHE A 129 25.43 9.93 -8.63
N LYS A 130 26.59 9.40 -8.23
CA LYS A 130 27.78 9.41 -9.06
C LYS A 130 27.71 8.27 -10.07
N GLU A 131 27.98 8.58 -11.35
CA GLU A 131 27.82 7.58 -12.40
C GLU A 131 28.77 6.41 -12.24
N ASP A 132 29.89 6.61 -11.55
CA ASP A 132 30.90 5.57 -11.34
C ASP A 132 31.02 5.19 -9.87
N GLY A 133 29.99 5.49 -9.07
CA GLY A 133 29.97 5.15 -7.66
C GLY A 133 29.47 3.76 -7.42
N ASN A 134 29.36 3.41 -6.13
CA ASN A 134 28.99 2.04 -5.75
C ASN A 134 27.57 1.67 -6.18
N ILE A 135 26.68 2.66 -6.29
CA ILE A 135 25.28 2.37 -6.57
C ILE A 135 25.07 2.26 -8.08
N LEU A 136 25.27 3.35 -8.83
CA LEU A 136 25.08 3.28 -10.27
C LEU A 136 26.13 2.41 -10.95
N GLY A 137 27.28 2.20 -10.31
CA GLY A 137 28.31 1.30 -10.81
C GLY A 137 28.11 -0.16 -10.45
N HIS A 138 27.08 -0.47 -9.65
CA HIS A 138 26.75 -1.85 -9.28
C HIS A 138 27.94 -2.56 -8.62
N LYS A 139 28.51 -1.91 -7.60
CA LYS A 139 29.67 -2.43 -6.88
C LYS A 139 29.31 -3.09 -5.55
N LEU A 140 28.02 -3.26 -5.25
CA LEU A 140 27.60 -3.85 -3.99
C LEU A 140 27.52 -5.37 -4.10
N GLU A 141 27.97 -6.05 -3.05
CA GLU A 141 27.73 -7.49 -2.94
C GLU A 141 26.23 -7.75 -2.80
N TYR A 142 25.78 -8.89 -3.30
CA TYR A 142 24.38 -9.29 -3.23
C TYR A 142 24.12 -10.02 -1.90
N ASN A 143 24.06 -9.24 -0.82
CA ASN A 143 23.85 -9.80 0.50
C ASN A 143 23.33 -8.71 1.43
N TYR A 144 23.21 -9.03 2.71
CA TYR A 144 22.66 -8.08 3.67
C TYR A 144 23.15 -8.43 5.07
N ASN A 145 23.15 -7.42 5.95
CA ASN A 145 23.68 -7.55 7.29
C ASN A 145 22.56 -7.36 8.32
N SER A 146 22.88 -7.64 9.59
CA SER A 146 21.94 -7.43 10.67
C SER A 146 22.05 -6.01 11.21
N HIS A 147 20.92 -5.41 11.55
CA HIS A 147 20.89 -4.03 12.04
C HIS A 147 19.84 -3.88 13.15
N ASN A 148 20.08 -2.93 14.05
CA ASN A 148 19.11 -2.54 15.08
C ASN A 148 18.39 -1.29 14.63
N VAL A 149 17.05 -1.33 14.65
CA VAL A 149 16.19 -0.27 14.18
C VAL A 149 15.61 0.42 15.40
N TYR A 150 15.99 1.67 15.64
CA TYR A 150 15.66 2.36 16.88
C TYR A 150 14.40 3.19 16.71
N ILE A 151 13.46 3.05 17.64
CA ILE A 151 12.11 3.60 17.52
C ILE A 151 11.79 4.46 18.73
N MET A 152 11.27 5.66 18.48
CA MET A 152 10.74 6.47 19.57
C MET A 152 9.46 7.13 19.13
N ALA A 153 8.64 7.49 20.11
CA ALA A 153 7.37 8.13 19.86
C ALA A 153 7.59 9.56 19.36
N ASP A 154 6.68 9.98 18.49
CA ASP A 154 6.58 11.36 17.99
C ASP A 154 5.19 11.86 18.38
N LYS A 155 5.06 12.29 19.64
CA LYS A 155 3.75 12.63 20.18
C LYS A 155 3.10 13.76 19.39
N GLN A 156 3.88 14.75 18.96
CA GLN A 156 3.32 15.91 18.28
C GLN A 156 2.69 15.54 16.94
N LYS A 157 3.26 14.56 16.23
CA LYS A 157 2.69 14.07 14.98
C LYS A 157 1.89 12.78 15.17
N ASN A 158 1.67 12.37 16.42
CA ASN A 158 0.89 11.17 16.75
C ASN A 158 1.39 9.93 16.00
N GLY A 159 2.69 9.80 15.90
CA GLY A 159 3.30 8.69 15.18
C GLY A 159 4.61 8.29 15.84
N ILE A 160 5.58 7.87 15.04
CA ILE A 160 6.90 7.52 15.52
C ILE A 160 7.97 8.09 14.61
N LYS A 161 9.15 8.27 15.19
CA LYS A 161 10.38 8.63 14.51
C LYS A 161 11.37 7.46 14.63
N VAL A 162 12.06 7.17 13.53
CA VAL A 162 12.91 5.98 13.41
C VAL A 162 14.21 6.36 12.69
N ASN A 163 15.33 5.81 13.16
CA ASN A 163 16.62 6.04 12.50
C ASN A 163 17.53 4.83 12.69
N PHE A 164 18.45 4.65 11.75
CA PHE A 164 19.41 3.55 11.74
C PHE A 164 20.34 3.73 10.55
N LYS A 165 21.50 3.09 10.63
CA LYS A 165 22.49 3.07 9.53
C LYS A 165 22.65 1.67 8.98
N ILE A 166 22.56 1.53 7.66
CA ILE A 166 22.74 0.25 6.99
C ILE A 166 24.16 0.16 6.45
N ARG A 167 24.79 -1.00 6.66
CA ARG A 167 26.11 -1.28 6.13
C ARG A 167 25.97 -2.18 4.90
N HIS A 168 26.38 -1.68 3.74
CA HIS A 168 26.32 -2.45 2.50
C HIS A 168 27.74 -2.89 2.17
N ASN A 169 27.94 -4.21 2.08
CA ASN A 169 29.28 -4.71 1.78
C ASN A 169 29.61 -4.47 0.32
N ILE A 170 30.81 -3.97 0.07
CA ILE A 170 31.30 -3.73 -1.28
C ILE A 170 32.25 -4.87 -1.66
N GLU A 171 32.44 -5.04 -2.98
CA GLU A 171 33.21 -6.18 -3.48
C GLU A 171 34.67 -6.09 -3.07
N ASP A 172 35.23 -4.88 -3.00
CA ASP A 172 36.63 -4.68 -2.67
C ASP A 172 36.91 -4.78 -1.16
N GLY A 173 35.94 -5.23 -0.36
CA GLY A 173 36.15 -5.45 1.05
C GLY A 173 35.71 -4.33 1.97
N SER A 174 35.50 -3.12 1.43
CA SER A 174 35.03 -1.99 2.25
C SER A 174 33.51 -2.06 2.37
N VAL A 175 32.91 -1.01 2.95
CA VAL A 175 31.46 -0.94 3.12
C VAL A 175 30.96 0.44 2.71
N GLN A 176 29.68 0.50 2.38
CA GLN A 176 28.99 1.74 2.01
C GLN A 176 27.87 1.99 3.00
N LEU A 177 27.94 3.11 3.71
CA LEU A 177 26.94 3.41 4.72
C LEU A 177 25.73 4.10 4.08
N ALA A 178 24.53 3.73 4.57
CA ALA A 178 23.27 4.35 4.14
C ALA A 178 22.50 4.78 5.38
N ASP A 179 22.42 6.08 5.59
CA ASP A 179 21.84 6.66 6.80
C ASP A 179 20.34 6.90 6.60
N HIS A 180 19.52 6.22 7.40
CA HIS A 180 18.08 6.20 7.24
C HIS A 180 17.41 7.11 8.26
N TYR A 181 16.56 8.04 7.77
CA TYR A 181 15.71 8.86 8.60
C TYR A 181 14.25 8.59 8.21
N GLN A 182 13.42 8.26 9.19
CA GLN A 182 12.11 7.66 8.95
C GLN A 182 11.04 8.27 9.85
N GLN A 183 9.84 8.45 9.29
CA GLN A 183 8.68 8.91 10.03
C GLN A 183 7.45 8.12 9.62
N ASN A 184 6.63 7.72 10.60
CA ASN A 184 5.39 7.00 10.37
C ASN A 184 4.26 7.72 11.07
N THR A 185 3.13 7.88 10.37
CA THR A 185 1.93 8.52 10.92
C THR A 185 0.71 7.73 10.44
N PRO A 186 -0.31 7.59 11.28
CA PRO A 186 -1.48 6.80 10.88
C PRO A 186 -2.32 7.50 9.80
N ILE A 187 -3.00 6.68 8.99
CA ILE A 187 -3.89 7.21 7.96
C ILE A 187 -5.26 7.52 8.56
N GLY A 188 -5.79 6.63 9.39
CA GLY A 188 -7.04 6.89 10.08
C GLY A 188 -6.82 7.78 11.28
N ASP A 189 -7.91 8.09 11.97
CA ASP A 189 -7.83 8.88 13.20
C ASP A 189 -8.25 8.08 14.44
N GLY A 190 -8.38 6.76 14.30
CA GLY A 190 -8.64 5.92 15.45
C GLY A 190 -7.47 5.97 16.41
N PRO A 191 -7.65 5.40 17.61
CA PRO A 191 -6.56 5.40 18.59
C PRO A 191 -5.41 4.49 18.15
N VAL A 192 -4.19 4.92 18.46
CA VAL A 192 -2.99 4.15 18.17
C VAL A 192 -2.12 4.07 19.42
N LEU A 193 -1.20 3.11 19.42
CA LEU A 193 -0.30 2.90 20.54
C LEU A 193 0.99 3.66 20.29
N LEU A 194 1.36 4.53 21.21
CA LEU A 194 2.62 5.25 21.07
C LEU A 194 3.67 4.60 21.95
N PRO A 195 4.77 4.11 21.40
CA PRO A 195 5.68 3.25 22.16
C PRO A 195 6.63 4.02 23.07
N ASP A 196 7.16 3.30 24.05
CA ASP A 196 8.41 3.71 24.67
C ASP A 196 9.56 3.41 23.72
N ASN A 197 10.72 3.99 24.04
CA ASN A 197 11.92 3.75 23.25
C ASN A 197 12.26 2.26 23.27
N HIS A 198 12.48 1.69 22.09
CA HIS A 198 12.85 0.28 21.93
C HIS A 198 13.49 0.12 20.55
N TYR A 199 13.81 -1.13 20.19
CA TYR A 199 14.41 -1.38 18.89
C TYR A 199 13.90 -2.68 18.29
N LEU A 200 14.08 -2.79 16.97
CA LEU A 200 13.77 -3.98 16.20
C LEU A 200 15.08 -4.60 15.74
N SER A 201 15.33 -5.85 16.16
CA SER A 201 16.45 -6.62 15.63
C SER A 201 16.04 -7.20 14.30
N THR A 202 16.71 -6.78 13.22
CA THR A 202 16.28 -7.12 11.87
C THR A 202 17.37 -7.88 11.15
N GLN A 203 17.01 -9.02 10.56
CA GLN A 203 17.93 -9.84 9.76
C GLN A 203 17.30 -10.11 8.41
N SER A 204 18.13 -10.08 7.36
CA SER A 204 17.66 -10.22 5.99
C SER A 204 18.65 -11.08 5.21
N ALA A 205 18.12 -12.02 4.42
CA ALA A 205 18.93 -12.90 3.58
C ALA A 205 18.38 -12.89 2.17
N LEU A 206 19.25 -12.59 1.20
CA LEU A 206 18.88 -12.44 -0.19
C LEU A 206 19.26 -13.69 -0.97
N SER A 207 18.42 -14.07 -1.93
CA SER A 207 18.68 -15.25 -2.75
C SER A 207 18.20 -14.98 -4.18
N LYS A 208 18.35 -16.00 -5.03
CA LYS A 208 17.88 -15.98 -6.40
C LYS A 208 17.08 -17.25 -6.70
N ASP A 209 16.10 -17.12 -7.58
CA ASP A 209 15.41 -18.25 -8.16
C ASP A 209 16.11 -18.63 -9.46
N PRO A 210 16.69 -19.84 -9.57
CA PRO A 210 17.33 -20.22 -10.85
C PRO A 210 16.35 -20.42 -12.00
N ASN A 211 15.05 -20.56 -11.71
CA ASN A 211 14.02 -20.63 -12.74
C ASN A 211 13.58 -19.27 -13.27
N GLU A 212 14.00 -18.15 -12.66
CA GLU A 212 13.52 -16.83 -13.04
C GLU A 212 14.50 -16.13 -13.97
N LYS A 213 14.03 -15.77 -15.16
CA LYS A 213 14.86 -15.07 -16.14
C LYS A 213 14.81 -13.55 -15.97
N ARG A 214 13.73 -13.00 -15.43
CA ARG A 214 13.66 -11.58 -15.14
C ARG A 214 14.59 -11.20 -13.99
N ASP A 215 14.99 -9.93 -13.97
CA ASP A 215 15.73 -9.37 -12.84
C ASP A 215 14.86 -9.42 -11.59
N HIS A 216 15.34 -10.09 -10.55
CA HIS A 216 14.49 -10.37 -9.40
C HIS A 216 15.32 -10.48 -8.13
N MET A 217 14.62 -10.51 -6.99
CA MET A 217 15.23 -10.74 -5.68
C MET A 217 14.28 -11.56 -4.81
N VAL A 218 14.80 -12.63 -4.22
CA VAL A 218 14.10 -13.43 -3.22
C VAL A 218 14.62 -13.02 -1.85
N LEU A 219 13.71 -12.79 -0.90
CA LEU A 219 14.05 -12.16 0.37
C LEU A 219 13.35 -12.88 1.52
N LEU A 220 14.12 -13.21 2.57
CA LEU A 220 13.61 -13.72 3.83
C LEU A 220 14.06 -12.78 4.95
N GLU A 221 13.16 -12.49 5.90
CA GLU A 221 13.48 -11.61 7.02
C GLU A 221 12.93 -12.16 8.34
N PHE A 222 13.69 -11.92 9.42
CA PHE A 222 13.30 -12.23 10.78
C PHE A 222 13.48 -10.98 11.61
N VAL A 223 12.42 -10.56 12.31
CA VAL A 223 12.39 -9.29 13.04
C VAL A 223 11.72 -9.51 14.41
N THR A 224 12.39 -9.08 15.48
CA THR A 224 11.85 -9.17 16.82
C THR A 224 12.13 -7.87 17.58
N ALA A 225 11.11 -7.37 18.30
CA ALA A 225 11.26 -6.17 19.11
C ALA A 225 11.93 -6.50 20.44
N ALA A 226 12.69 -5.53 20.97
CA ALA A 226 13.46 -5.71 22.19
C ALA A 226 13.75 -4.34 22.83
N GLY A 227 14.39 -4.37 24.00
CA GLY A 227 14.85 -3.17 24.66
C GLY A 227 14.06 -2.73 25.87
N ILE A 228 13.18 -3.59 26.40
CA ILE A 228 12.45 -3.29 27.62
C ILE A 228 12.93 -4.14 28.81
N THR A 229 13.39 -5.36 28.57
CA THR A 229 13.88 -6.28 29.60
C THR A 229 12.77 -6.66 30.58
N LEU A 230 11.68 -7.19 30.03
CA LEU A 230 10.52 -7.65 30.80
C LEU A 230 10.01 -6.60 31.79
N GLN B 22 -6.15 16.32 -1.64
CA GLN B 22 -7.43 15.64 -1.68
C GLN B 22 -7.71 15.06 -3.08
N VAL B 23 -8.91 14.48 -3.25
CA VAL B 23 -9.28 13.74 -4.45
C VAL B 23 -10.59 14.31 -4.98
N GLN B 24 -10.70 14.41 -6.30
CA GLN B 24 -11.89 14.93 -6.97
C GLN B 24 -12.42 13.90 -7.95
N LEU B 25 -13.73 13.73 -7.96
CA LEU B 25 -14.42 12.69 -8.72
C LEU B 25 -15.47 13.32 -9.63
N VAL B 26 -15.48 12.95 -10.91
CA VAL B 26 -16.41 13.48 -11.91
C VAL B 26 -17.12 12.33 -12.63
N GLU B 27 -18.42 12.14 -12.34
CA GLU B 27 -19.25 11.09 -12.95
C GLU B 27 -19.83 11.55 -14.30
N SER B 28 -20.19 10.56 -15.12
CA SER B 28 -20.89 10.83 -16.38
C SER B 28 -21.55 9.54 -16.85
N GLY B 29 -22.31 9.63 -17.94
CA GLY B 29 -23.01 8.49 -18.53
C GLY B 29 -24.47 8.27 -18.13
N GLY B 30 -25.10 9.17 -17.35
CA GLY B 30 -26.50 9.02 -17.00
C GLY B 30 -27.45 9.23 -18.18
N GLY B 31 -28.72 8.86 -17.97
CA GLY B 31 -29.74 9.17 -18.95
C GLY B 31 -31.07 8.52 -18.58
N LEU B 32 -31.93 8.40 -19.59
CA LEU B 32 -33.30 7.90 -19.49
C LEU B 32 -33.48 6.73 -20.46
N VAL B 33 -33.69 5.52 -19.93
CA VAL B 33 -33.67 4.30 -20.74
C VAL B 33 -34.89 3.44 -20.40
N GLN B 34 -35.36 2.66 -21.38
CA GLN B 34 -36.52 1.82 -21.06
C GLN B 34 -36.12 0.58 -20.27
N ALA B 35 -37.07 0.10 -19.46
CA ALA B 35 -36.85 -1.07 -18.62
C ALA B 35 -36.38 -2.26 -19.45
N GLY B 36 -35.37 -2.97 -18.96
CA GLY B 36 -34.74 -4.02 -19.72
C GLY B 36 -33.47 -3.59 -20.42
N GLY B 37 -33.27 -2.29 -20.64
CA GLY B 37 -32.10 -1.79 -21.33
C GLY B 37 -30.89 -1.67 -20.42
N SER B 38 -29.83 -1.05 -20.95
CA SER B 38 -28.54 -0.93 -20.27
C SER B 38 -28.07 0.52 -20.30
N LEU B 39 -27.17 0.82 -19.36
CA LEU B 39 -26.43 2.07 -19.28
C LEU B 39 -25.03 1.75 -18.78
N ARG B 40 -24.09 2.69 -18.95
CA ARG B 40 -22.75 2.54 -18.40
C ARG B 40 -22.30 3.86 -17.76
N LEU B 41 -22.14 3.86 -16.44
CA LEU B 41 -21.62 5.06 -15.80
C LEU B 41 -20.11 4.99 -15.77
N SER B 42 -19.49 6.18 -15.77
CA SER B 42 -18.04 6.30 -15.69
C SER B 42 -17.69 7.46 -14.75
N CYS B 43 -16.53 7.35 -14.11
CA CYS B 43 -16.02 8.36 -13.20
C CYS B 43 -14.53 8.54 -13.42
N ALA B 44 -14.10 9.80 -13.55
CA ALA B 44 -12.68 10.15 -13.60
C ALA B 44 -12.25 10.75 -12.27
N ALA B 45 -11.20 10.16 -11.67
CA ALA B 45 -10.60 10.65 -10.44
C ALA B 45 -9.35 11.47 -10.74
N SER B 46 -9.11 12.50 -9.93
CA SER B 46 -7.90 13.31 -10.02
C SER B 46 -7.50 13.73 -8.60
N GLY B 47 -6.28 14.26 -8.48
CA GLY B 47 -5.74 14.55 -7.16
C GLY B 47 -4.82 13.46 -6.61
N ARG B 48 -4.99 13.09 -5.34
CA ARG B 48 -4.05 12.20 -4.65
C ARG B 48 -4.48 10.73 -4.80
N THR B 49 -4.55 10.30 -6.06
CA THR B 49 -4.95 8.93 -6.42
C THR B 49 -3.92 7.88 -6.01
N PHE B 50 -2.67 8.29 -5.77
CA PHE B 50 -1.69 7.39 -5.16
C PHE B 50 -2.22 6.73 -3.89
N SER B 51 -3.07 7.42 -3.13
CA SER B 51 -3.51 6.90 -1.83
C SER B 51 -4.73 5.98 -1.92
N THR B 52 -5.29 5.74 -3.11
CA THR B 52 -6.59 5.11 -3.23
C THR B 52 -6.51 3.63 -2.90
N SER B 53 -7.34 3.17 -1.96
CA SER B 53 -7.42 1.77 -1.59
C SER B 53 -8.64 1.05 -2.15
N ALA B 54 -9.68 1.80 -2.54
CA ALA B 54 -10.89 1.24 -3.15
C ALA B 54 -11.74 2.38 -3.72
N MET B 55 -12.58 2.04 -4.69
CA MET B 55 -13.59 2.95 -5.20
C MET B 55 -14.91 2.19 -5.28
N GLY B 56 -16.01 2.95 -5.41
CA GLY B 56 -17.31 2.33 -5.44
C GLY B 56 -18.40 3.28 -5.92
N TRP B 57 -19.64 2.80 -5.79
CA TRP B 57 -20.84 3.53 -6.18
C TRP B 57 -21.91 3.35 -5.11
N PHE B 58 -22.69 4.40 -4.86
CA PHE B 58 -23.93 4.29 -4.12
C PHE B 58 -24.99 5.14 -4.83
N ARG B 59 -26.26 4.97 -4.43
CA ARG B 59 -27.36 5.68 -5.08
C ARG B 59 -28.34 6.23 -4.04
N GLN B 60 -29.08 7.26 -4.45
CA GLN B 60 -30.09 7.88 -3.58
C GLN B 60 -31.28 8.30 -4.42
N ALA B 61 -32.42 7.72 -4.15
CA ALA B 61 -33.69 8.10 -4.72
C ALA B 61 -34.37 9.14 -3.83
N PRO B 62 -35.17 10.04 -4.40
CA PRO B 62 -35.74 11.13 -3.59
C PRO B 62 -36.58 10.60 -2.44
N GLY B 63 -36.41 11.21 -1.27
CA GLY B 63 -37.14 10.80 -0.09
C GLY B 63 -36.56 9.60 0.64
N ARG B 64 -35.81 8.75 -0.06
CA ARG B 64 -35.27 7.52 0.50
C ARG B 64 -33.81 7.71 0.92
N GLU B 65 -33.30 6.73 1.66
CA GLU B 65 -31.93 6.84 2.15
C GLU B 65 -30.95 6.22 1.16
N ARG B 66 -29.66 6.49 1.40
CA ARG B 66 -28.60 5.97 0.56
C ARG B 66 -28.58 4.45 0.59
N GLU B 67 -28.37 3.82 -0.57
CA GLU B 67 -28.13 2.39 -0.63
C GLU B 67 -26.84 2.10 -1.35
N PHE B 68 -26.10 1.13 -0.81
CA PHE B 68 -24.84 0.66 -1.39
C PHE B 68 -25.10 -0.04 -2.70
N VAL B 69 -24.26 0.23 -3.70
CA VAL B 69 -24.40 -0.37 -5.03
C VAL B 69 -23.26 -1.34 -5.33
N ALA B 70 -22.01 -0.87 -5.23
CA ALA B 70 -20.86 -1.71 -5.59
C ALA B 70 -19.56 -1.08 -5.11
N ALA B 71 -18.54 -1.93 -4.95
CA ALA B 71 -17.19 -1.47 -4.60
C ALA B 71 -16.16 -2.40 -5.26
N ILE B 72 -14.96 -1.85 -5.50
CA ILE B 72 -13.85 -2.58 -6.12
C ILE B 72 -12.57 -2.21 -5.38
N THR B 73 -11.80 -3.23 -4.93
CA THR B 73 -10.54 -2.96 -4.26
C THR B 73 -9.49 -2.58 -5.30
N TRP B 74 -8.64 -1.60 -4.96
CA TRP B 74 -7.90 -0.90 -5.99
C TRP B 74 -6.75 -1.73 -6.56
N THR B 75 -5.97 -2.40 -5.70
CA THR B 75 -4.78 -3.09 -6.18
C THR B 75 -5.13 -4.35 -6.98
N VAL B 76 -5.95 -5.24 -6.39
CA VAL B 76 -6.26 -6.54 -6.99
C VAL B 76 -7.53 -6.51 -7.83
N GLY B 77 -8.49 -5.65 -7.50
CA GLY B 77 -9.70 -5.58 -8.28
C GLY B 77 -10.81 -6.51 -7.84
N ASN B 78 -10.85 -6.91 -6.56
CA ASN B 78 -11.97 -7.68 -6.05
C ASN B 78 -13.24 -6.82 -5.98
N THR B 79 -14.40 -7.44 -6.27
CA THR B 79 -15.65 -6.70 -6.38
C THR B 79 -16.70 -7.22 -5.41
N ILE B 80 -17.56 -6.31 -4.92
CA ILE B 80 -18.73 -6.67 -4.10
C ILE B 80 -19.92 -5.80 -4.52
N TYR B 81 -21.12 -6.30 -4.24
CA TYR B 81 -22.36 -5.72 -4.77
C TYR B 81 -23.44 -5.62 -3.71
N GLY B 82 -24.35 -4.65 -3.88
CA GLY B 82 -25.58 -4.65 -3.10
C GLY B 82 -26.54 -5.75 -3.55
N ASP B 83 -27.41 -6.17 -2.62
CA ASP B 83 -28.15 -7.42 -2.82
C ASP B 83 -29.02 -7.38 -4.08
N SER B 84 -29.64 -6.24 -4.37
CA SER B 84 -30.51 -6.20 -5.55
C SER B 84 -29.76 -5.98 -6.87
N MET B 85 -28.43 -5.88 -6.86
CA MET B 85 -27.66 -5.55 -8.06
C MET B 85 -26.65 -6.62 -8.50
N LYS B 86 -26.27 -7.57 -7.65
CA LYS B 86 -25.33 -8.60 -8.08
C LYS B 86 -25.94 -9.39 -9.24
N GLY B 87 -25.14 -9.61 -10.28
CA GLY B 87 -25.67 -10.22 -11.49
C GLY B 87 -25.97 -9.20 -12.59
N ARG B 88 -26.71 -8.14 -12.26
CA ARG B 88 -27.11 -7.17 -13.27
C ARG B 88 -26.03 -6.11 -13.53
N PHE B 89 -25.28 -5.71 -12.50
CA PHE B 89 -24.30 -4.63 -12.57
C PHE B 89 -22.88 -5.18 -12.48
N THR B 90 -21.94 -4.54 -13.18
CA THR B 90 -20.53 -4.90 -13.12
C THR B 90 -19.68 -3.65 -12.95
N ILE B 91 -18.89 -3.61 -11.86
CA ILE B 91 -17.95 -2.53 -11.60
C ILE B 91 -16.56 -2.93 -12.09
N SER B 92 -15.85 -1.98 -12.71
CA SER B 92 -14.50 -2.22 -13.21
C SER B 92 -13.68 -0.94 -13.04
N ARG B 93 -12.36 -1.06 -13.13
CA ARG B 93 -11.55 0.13 -12.91
C ARG B 93 -10.25 0.05 -13.71
N ASP B 94 -9.73 1.22 -14.08
CA ASP B 94 -8.49 1.34 -14.87
C ASP B 94 -7.49 2.17 -14.07
N ARG B 95 -6.40 1.53 -13.63
CA ARG B 95 -5.45 2.21 -12.75
C ARG B 95 -4.58 3.22 -13.49
N THR B 96 -4.24 3.00 -14.75
CA THR B 96 -3.42 3.97 -15.44
C THR B 96 -4.22 5.25 -15.75
N LYS B 97 -5.51 5.10 -16.08
CA LYS B 97 -6.37 6.25 -16.36
C LYS B 97 -7.07 6.80 -15.12
N ASN B 98 -7.02 6.09 -13.99
CA ASN B 98 -7.73 6.48 -12.76
C ASN B 98 -9.23 6.71 -13.00
N THR B 99 -9.85 5.71 -13.66
CA THR B 99 -11.29 5.72 -13.86
C THR B 99 -11.92 4.49 -13.22
N VAL B 100 -13.24 4.56 -13.07
CA VAL B 100 -14.02 3.42 -12.59
C VAL B 100 -15.39 3.49 -13.26
N ASP B 101 -15.86 2.35 -13.77
CA ASP B 101 -17.10 2.27 -14.51
C ASP B 101 -18.10 1.36 -13.81
N LEU B 102 -19.38 1.61 -14.10
CA LEU B 102 -20.49 0.78 -13.62
C LEU B 102 -21.37 0.42 -14.83
N GLN B 103 -21.17 -0.78 -15.35
N GLN B 103 -21.21 -0.82 -15.30
CA GLN B 103 -22.09 -1.31 -16.35
CA GLN B 103 -22.07 -1.38 -16.35
C GLN B 103 -23.39 -1.74 -15.67
C GLN B 103 -23.39 -1.84 -15.73
N MET B 104 -24.52 -1.28 -16.20
CA MET B 104 -25.84 -1.58 -15.64
C MET B 104 -26.73 -2.23 -16.69
N ASP B 105 -26.99 -3.53 -16.52
CA ASP B 105 -27.86 -4.28 -17.41
C ASP B 105 -29.22 -4.55 -16.74
N SER B 106 -30.20 -4.94 -17.57
CA SER B 106 -31.53 -5.31 -17.08
C SER B 106 -32.05 -4.26 -16.08
N LEU B 107 -32.03 -3.00 -16.50
CA LEU B 107 -32.46 -1.89 -15.65
C LEU B 107 -33.96 -1.98 -15.35
N LYS B 108 -34.33 -1.52 -14.16
CA LYS B 108 -35.72 -1.52 -13.69
C LYS B 108 -36.09 -0.13 -13.17
N PRO B 109 -37.38 0.22 -13.18
CA PRO B 109 -37.79 1.52 -12.63
C PRO B 109 -37.36 1.78 -11.18
N GLU B 110 -37.16 0.74 -10.37
CA GLU B 110 -36.68 0.95 -9.01
C GLU B 110 -35.18 1.27 -8.93
N ASP B 111 -34.46 1.22 -10.05
CA ASP B 111 -33.08 1.69 -10.12
C ASP B 111 -32.99 3.20 -10.34
N THR B 112 -34.13 3.88 -10.46
CA THR B 112 -34.17 5.31 -10.71
C THR B 112 -33.65 6.05 -9.48
N ALA B 113 -32.58 6.84 -9.66
CA ALA B 113 -31.89 7.51 -8.56
C ALA B 113 -30.74 8.31 -9.14
N VAL B 114 -30.16 9.15 -8.28
CA VAL B 114 -28.88 9.79 -8.54
C VAL B 114 -27.79 8.82 -8.07
N TYR B 115 -26.82 8.56 -8.95
CA TYR B 115 -25.71 7.63 -8.66
C TYR B 115 -24.45 8.42 -8.36
N TYR B 116 -23.78 8.07 -7.25
CA TYR B 116 -22.57 8.75 -6.78
C TYR B 116 -21.40 7.78 -6.80
N CYS B 117 -20.27 8.23 -7.37
CA CYS B 117 -19.02 7.49 -7.26
C CYS B 117 -18.24 7.92 -6.01
N THR B 118 -17.55 6.96 -5.37
CA THR B 118 -16.82 7.22 -4.13
C THR B 118 -15.39 6.66 -4.22
N ALA B 119 -14.53 7.16 -3.34
CA ALA B 119 -13.15 6.68 -3.20
C ALA B 119 -12.78 6.59 -1.72
N ARG B 120 -11.92 5.63 -1.39
CA ARG B 120 -11.39 5.47 -0.05
C ARG B 120 -9.87 5.41 -0.10
N SER B 121 -9.22 6.05 0.89
CA SER B 121 -7.78 5.98 1.12
C SER B 121 -7.40 5.12 2.31
N ARG B 122 -8.21 5.12 3.36
CA ARG B 122 -8.01 4.20 4.46
C ARG B 122 -8.03 2.74 3.98
N GLY B 123 -7.13 1.93 4.53
CA GLY B 123 -7.25 0.49 4.39
C GLY B 123 -8.49 -0.02 5.10
N PHE B 124 -8.77 -1.31 4.92
CA PHE B 124 -10.07 -1.87 5.31
C PHE B 124 -9.98 -3.39 5.36
N VAL B 125 -10.89 -4.01 6.16
CA VAL B 125 -11.32 -5.38 5.87
C VAL B 125 -12.52 -5.26 4.93
N LEU B 126 -12.70 -6.28 4.09
CA LEU B 126 -13.62 -6.13 2.95
C LEU B 126 -15.06 -5.82 3.39
N SER B 127 -15.51 -6.39 4.50
CA SER B 127 -16.88 -6.13 4.93
C SER B 127 -17.10 -4.67 5.35
N ASP B 128 -16.04 -3.91 5.66
CA ASP B 128 -16.21 -2.49 5.94
C ASP B 128 -16.82 -1.75 4.75
N LEU B 129 -16.55 -2.23 3.53
CA LEU B 129 -16.95 -1.51 2.33
C LEU B 129 -18.45 -1.60 2.05
N ARG B 130 -19.15 -2.59 2.64
CA ARG B 130 -20.59 -2.70 2.46
C ARG B 130 -21.34 -1.58 3.16
N SER B 131 -20.69 -0.89 4.09
CA SER B 131 -21.31 0.21 4.81
C SER B 131 -21.27 1.44 3.91
N VAL B 132 -22.45 2.03 3.64
CA VAL B 132 -22.54 3.03 2.58
C VAL B 132 -21.74 4.28 2.91
N ASP B 133 -21.50 4.59 4.20
CA ASP B 133 -20.77 5.79 4.57
C ASP B 133 -19.29 5.53 4.85
N SER B 134 -18.70 4.48 4.28
CA SER B 134 -17.33 4.11 4.58
C SER B 134 -16.32 4.76 3.64
N PHE B 135 -16.74 5.69 2.80
CA PHE B 135 -15.85 6.32 1.83
C PHE B 135 -15.13 7.50 2.48
N ASP B 136 -14.07 7.96 1.80
CA ASP B 136 -13.39 9.19 2.19
C ASP B 136 -13.73 10.36 1.27
N TYR B 137 -14.15 10.11 0.03
CA TYR B 137 -14.50 11.13 -0.95
C TYR B 137 -15.69 10.65 -1.77
N LYS B 138 -16.51 11.59 -2.24
CA LYS B 138 -17.65 11.29 -3.10
C LYS B 138 -17.74 12.34 -4.21
N GLY B 139 -18.32 11.93 -5.33
CA GLY B 139 -18.43 12.76 -6.51
C GLY B 139 -19.66 13.66 -6.48
N GLN B 140 -19.99 14.20 -7.65
CA GLN B 140 -21.10 15.15 -7.78
C GLN B 140 -22.43 14.47 -8.10
N GLY B 141 -22.42 13.29 -8.71
CA GLY B 141 -23.64 12.55 -9.00
C GLY B 141 -24.14 12.74 -10.43
N THR B 142 -24.82 11.70 -10.95
CA THR B 142 -25.42 11.72 -12.27
C THR B 142 -26.76 10.98 -12.20
N GLN B 143 -27.78 11.53 -12.89
CA GLN B 143 -29.15 11.03 -12.80
C GLN B 143 -29.39 9.83 -13.73
N VAL B 144 -30.01 8.79 -13.19
CA VAL B 144 -30.44 7.63 -13.97
C VAL B 144 -31.94 7.49 -13.79
N THR B 145 -32.68 7.39 -14.90
CA THR B 145 -34.13 7.23 -14.87
C THR B 145 -34.50 6.07 -15.80
N VAL B 146 -35.35 5.17 -15.31
CA VAL B 146 -35.75 3.98 -16.06
C VAL B 146 -37.27 4.02 -16.21
N SER B 147 -37.74 3.95 -17.44
CA SER B 147 -39.18 4.04 -17.68
C SER B 147 -39.77 2.78 -18.30
#